data_3NPZ
#
_entry.id   3NPZ
#
_cell.length_a   92.174
_cell.length_b   92.174
_cell.length_c   216.072
_cell.angle_alpha   90.00
_cell.angle_beta   90.00
_cell.angle_gamma   90.00
#
_symmetry.space_group_name_H-M   'P 43 21 2'
#
loop_
_entity.id
_entity.type
_entity.pdbx_description
1 polymer Prolactin
2 polymer 'Prolactin receptor'
#
loop_
_entity_poly.entity_id
_entity_poly.type
_entity_poly.pdbx_seq_one_letter_code
_entity_poly.pdbx_strand_id
1 'polypeptide(L)'
;LPICPGGAARCQVTLRDLFDRAVVLSHYIHNLSSEMFSEFDKRYTHGRGFITKAINSCHTSSLATPEDKEQAQQMNQKDF
LSLIVSILRSWNEPLYHLVTEVRGMQEAPEAILSKAVEIEEQTKRLLEGMELIVSQVHPETKENEIYPVWSGLPSLQMAD
EESRLSAYYNLLHCLRRDSHKIDNYLKLLKCRIIHNNNC
;
A
2 'polypeptide(L)'
;QSPPGKPEIHKCRSPDKETFTCWWNPGTDGGLPTNYSLTYSKEGEKTTYECPDYKTSGPNSCFFSKQYTSIWKIYIITVN
ATNQMGSSSSDPLYVDVTYIVEPEPPRNLTLEVKQLKDKKTYLWVKWSPPTITDVKTGWFTMEYEIRLKPEEAEEWEIHF
TGHQTQFKVFDLYPGQKYLVQTRCKPDHGYWSRWSQESSVEMPNDFTLKDRSRSHHHHHH
;
B,C
#
# COMPACT_ATOMS: atom_id res chain seq x y z
N PRO A 2 -20.82 -9.24 -12.60
CA PRO A 2 -20.62 -7.79 -12.42
C PRO A 2 -21.69 -6.97 -13.13
N ILE A 3 -22.39 -6.11 -12.38
CA ILE A 3 -23.41 -5.23 -12.94
C ILE A 3 -22.77 -3.95 -13.49
N CYS A 4 -23.18 -3.57 -14.71
CA CYS A 4 -22.59 -2.43 -15.41
C CYS A 4 -23.49 -1.87 -16.51
N CYS A 11 -18.20 -3.82 -21.57
CA CYS A 11 -19.38 -3.34 -20.89
C CYS A 11 -19.15 -1.92 -20.37
N GLN A 12 -18.65 -1.83 -19.13
CA GLN A 12 -18.35 -0.54 -18.50
C GLN A 12 -17.20 -0.68 -17.49
N VAL A 13 -16.04 -0.08 -17.79
CA VAL A 13 -14.95 0.03 -16.83
C VAL A 13 -14.90 1.42 -16.23
N THR A 14 -15.50 1.57 -15.05
CA THR A 14 -15.74 2.87 -14.41
C THR A 14 -14.46 3.60 -14.09
N LEU A 15 -14.44 4.89 -14.39
CA LEU A 15 -13.32 5.73 -14.00
C LEU A 15 -13.04 5.61 -12.50
N ARG A 16 -14.08 5.66 -11.68
CA ARG A 16 -13.88 5.41 -10.25
C ARG A 16 -13.05 4.13 -10.01
N ASP A 17 -13.46 3.02 -10.61
CA ASP A 17 -12.75 1.76 -10.45
C ASP A 17 -11.38 1.78 -11.10
N LEU A 18 -11.11 2.71 -11.99
CA LEU A 18 -9.79 2.76 -12.60
C LEU A 18 -8.79 3.37 -11.63
N PHE A 19 -9.22 4.45 -10.99
CA PHE A 19 -8.41 5.03 -9.92
C PHE A 19 -8.25 4.04 -8.79
N ASP A 20 -9.35 3.49 -8.29
CA ASP A 20 -9.29 2.55 -7.21
C ASP A 20 -8.25 1.47 -7.43
N ARG A 21 -8.02 1.09 -8.68
CA ARG A 21 -7.03 0.04 -8.99
C ARG A 21 -5.62 0.58 -9.13
N ALA A 22 -5.52 1.74 -9.74
CA ALA A 22 -4.24 2.40 -9.98
C ALA A 22 -3.56 2.72 -8.66
N VAL A 23 -4.33 3.28 -7.74
CA VAL A 23 -3.83 3.80 -6.48
C VAL A 23 -3.33 2.65 -5.63
N VAL A 24 -3.92 1.46 -5.84
CA VAL A 24 -3.46 0.27 -5.14
C VAL A 24 -2.13 -0.23 -5.70
N LEU A 25 -1.95 -0.16 -7.00
CA LEU A 25 -0.68 -0.62 -7.56
C LEU A 25 0.40 0.41 -7.27
N SER A 26 0.02 1.69 -7.24
CA SER A 26 1.00 2.77 -7.18
C SER A 26 1.47 2.87 -5.78
N HIS A 27 0.58 2.49 -4.86
CA HIS A 27 0.92 2.41 -3.45
C HIS A 27 1.85 1.23 -3.15
N TYR A 28 1.50 0.09 -3.73
CA TYR A 28 2.28 -1.13 -3.62
C TYR A 28 3.65 -0.94 -4.22
N ILE A 29 3.70 -0.42 -5.43
CA ILE A 29 4.94 -0.17 -6.13
C ILE A 29 5.87 0.70 -5.32
N HIS A 30 5.30 1.65 -4.58
CA HIS A 30 6.16 2.50 -3.78
C HIS A 30 6.73 1.78 -2.56
N ASN A 31 5.90 1.03 -1.85
CA ASN A 31 6.43 0.32 -0.73
C ASN A 31 7.58 -0.58 -1.21
N LEU A 32 7.39 -1.23 -2.34
CA LEU A 32 8.40 -2.14 -2.86
C LEU A 32 9.70 -1.49 -3.24
N SER A 33 9.63 -0.24 -3.69
CA SER A 33 10.85 0.41 -4.16
C SER A 33 11.59 1.08 -3.01
N SER A 34 10.86 1.38 -1.94
CA SER A 34 11.42 1.95 -0.72
C SER A 34 12.07 0.87 0.15
N GLU A 35 11.48 -0.32 0.14
CA GLU A 35 12.11 -1.48 0.78
C GLU A 35 13.34 -1.92 0.01
N MET A 36 13.29 -1.82 -1.31
CA MET A 36 14.39 -2.30 -2.12
C MET A 36 15.57 -1.38 -2.00
N PHE A 37 15.31 -0.09 -1.82
CA PHE A 37 16.38 0.88 -1.64
C PHE A 37 17.04 0.66 -0.28
N SER A 38 16.21 0.28 0.70
CA SER A 38 16.70 -0.06 2.00
C SER A 38 17.51 -1.36 1.98
N GLU A 39 17.09 -2.36 1.21
CA GLU A 39 17.89 -3.58 1.16
C GLU A 39 19.24 -3.35 0.49
N PHE A 40 19.29 -2.39 -0.41
CA PHE A 40 20.53 -2.06 -1.08
C PHE A 40 21.42 -1.19 -0.20
N ASP A 41 20.82 -0.19 0.45
CA ASP A 41 21.59 0.63 1.38
C ASP A 41 22.22 -0.28 2.42
N LYS A 42 21.40 -1.05 3.13
CA LYS A 42 21.89 -1.92 4.20
C LYS A 42 23.10 -2.77 3.79
N ARG A 43 22.99 -3.39 2.62
CA ARG A 43 23.98 -4.39 2.21
C ARG A 43 25.18 -3.88 1.43
N TYR A 44 25.11 -2.63 0.96
CA TYR A 44 26.17 -2.06 0.12
C TYR A 44 26.54 -0.60 0.44
N THR A 45 25.58 0.21 0.85
CA THR A 45 25.92 1.59 1.16
C THR A 45 25.97 1.86 2.67
N HIS A 46 24.79 2.05 3.27
CA HIS A 46 24.67 2.24 4.71
C HIS A 46 25.60 3.34 5.22
N GLY A 47 25.72 4.43 4.49
CA GLY A 47 26.60 5.51 4.89
C GLY A 47 27.64 5.78 3.83
N ARG A 48 28.87 5.33 4.06
CA ARG A 48 29.95 5.50 3.10
C ARG A 48 30.16 6.96 2.73
N GLY A 49 29.14 7.57 2.16
CA GLY A 49 29.14 8.99 1.87
C GLY A 49 28.46 9.28 0.55
N PHE A 50 27.33 8.62 0.30
CA PHE A 50 26.62 8.80 -0.96
C PHE A 50 25.72 10.03 -0.94
N ILE A 51 24.60 9.95 -1.66
CA ILE A 51 23.74 11.12 -1.87
C ILE A 51 24.51 12.42 -1.95
N THR A 52 25.81 12.34 -2.18
CA THR A 52 26.61 13.55 -2.36
C THR A 52 26.61 13.69 -3.86
N LYS A 53 26.81 12.54 -4.49
CA LYS A 53 26.67 12.39 -5.93
C LYS A 53 25.31 11.73 -6.22
N ALA A 54 24.24 12.24 -5.61
CA ALA A 54 22.90 11.82 -5.99
C ALA A 54 21.93 12.99 -6.19
N ILE A 55 22.38 14.18 -5.85
CA ILE A 55 21.53 15.35 -6.06
C ILE A 55 21.54 15.75 -7.51
N ASN A 56 20.37 15.95 -8.08
CA ASN A 56 20.23 16.36 -9.48
C ASN A 56 20.55 15.20 -10.41
N SER A 57 20.65 14.01 -9.85
CA SER A 57 20.99 12.83 -10.64
C SER A 57 19.79 12.18 -11.30
N CYS A 58 18.58 12.59 -10.90
CA CYS A 58 17.37 11.99 -11.43
C CYS A 58 17.06 12.47 -12.85
N HIS A 59 16.69 11.52 -13.71
CA HIS A 59 16.51 11.81 -15.13
C HIS A 59 15.14 12.41 -15.42
N THR A 60 14.21 12.27 -14.49
CA THR A 60 12.87 12.87 -14.62
C THR A 60 12.80 14.25 -13.98
N SER A 61 13.96 14.83 -13.72
CA SER A 61 14.01 16.06 -12.95
C SER A 61 13.60 17.21 -13.83
N SER A 62 13.86 17.04 -15.13
CA SER A 62 13.67 18.11 -16.10
C SER A 62 12.20 18.41 -16.35
N LEU A 63 11.34 17.44 -16.05
CA LEU A 63 9.90 17.59 -16.20
C LEU A 63 9.24 18.63 -15.28
N ALA A 64 8.18 19.27 -15.75
CA ALA A 64 7.49 20.31 -14.99
C ALA A 64 6.63 19.72 -13.87
N THR A 65 7.31 19.06 -12.93
CA THR A 65 6.69 18.32 -11.82
C THR A 65 6.31 19.25 -10.67
N PRO A 66 5.01 19.27 -10.32
CA PRO A 66 4.49 19.97 -9.14
C PRO A 66 5.29 19.72 -7.85
N GLU A 67 5.69 20.77 -7.16
CA GLU A 67 6.53 20.59 -5.99
C GLU A 67 5.83 20.65 -4.62
N ASP A 68 4.90 21.57 -4.44
CA ASP A 68 4.15 21.56 -3.17
C ASP A 68 2.67 21.27 -3.38
N LYS A 69 1.88 21.33 -2.32
CA LYS A 69 0.45 21.07 -2.44
C LYS A 69 -0.31 22.15 -3.24
N GLU A 70 0.17 23.39 -3.22
CA GLU A 70 -0.50 24.45 -3.97
C GLU A 70 -0.29 24.32 -5.47
N GLN A 71 0.87 23.82 -5.87
CA GLN A 71 1.20 23.70 -7.29
C GLN A 71 0.42 22.55 -7.91
N ALA A 72 0.27 21.47 -7.15
CA ALA A 72 -0.57 20.37 -7.55
C ALA A 72 -1.97 20.88 -7.76
N GLN A 73 -2.47 21.60 -6.76
CA GLN A 73 -3.84 22.12 -6.75
C GLN A 73 -4.16 23.06 -7.93
N GLN A 74 -3.11 23.54 -8.60
CA GLN A 74 -3.19 24.55 -9.64
C GLN A 74 -3.22 23.85 -10.97
N MET A 75 -2.85 22.58 -10.98
CA MET A 75 -2.65 21.89 -12.25
C MET A 75 -3.87 21.22 -12.80
N ASN A 76 -3.94 21.30 -14.11
CA ASN A 76 -4.97 20.70 -14.93
C ASN A 76 -4.96 19.17 -14.85
N GLN A 77 -6.14 18.59 -14.69
CA GLN A 77 -6.25 17.15 -14.52
C GLN A 77 -5.79 16.32 -15.70
N LYS A 78 -5.99 16.84 -16.91
CA LYS A 78 -5.63 16.04 -18.05
C LYS A 78 -4.15 16.24 -18.37
N ASP A 79 -3.62 17.41 -18.02
CA ASP A 79 -2.18 17.61 -18.17
C ASP A 79 -1.42 16.86 -17.09
N PHE A 80 -1.98 16.85 -15.89
CA PHE A 80 -1.49 16.03 -14.81
C PHE A 80 -1.35 14.56 -15.16
N LEU A 81 -2.42 13.96 -15.67
CA LEU A 81 -2.37 12.56 -16.09
C LEU A 81 -1.30 12.31 -17.17
N SER A 82 -1.16 13.23 -18.11
CA SER A 82 -0.18 13.06 -19.16
C SER A 82 1.20 13.08 -18.56
N LEU A 83 1.34 13.87 -17.50
CA LEU A 83 2.60 13.95 -16.72
C LEU A 83 2.97 12.64 -16.03
N ILE A 84 1.95 11.93 -15.54
CA ILE A 84 2.11 10.68 -14.79
C ILE A 84 2.53 9.57 -15.70
N VAL A 85 1.98 9.58 -16.91
CA VAL A 85 2.28 8.54 -17.88
C VAL A 85 3.72 8.73 -18.35
N SER A 86 4.06 9.96 -18.71
CA SER A 86 5.44 10.28 -19.04
C SER A 86 6.40 9.76 -17.98
N ILE A 87 6.14 10.07 -16.72
CA ILE A 87 6.99 9.56 -15.65
C ILE A 87 7.15 8.08 -15.79
N LEU A 88 6.00 7.40 -15.89
CA LEU A 88 5.94 5.92 -15.97
C LEU A 88 6.68 5.27 -17.15
N ARG A 89 6.36 5.67 -18.37
CA ARG A 89 7.11 5.17 -19.52
C ARG A 89 8.61 5.34 -19.18
N SER A 90 8.97 6.54 -18.73
CA SER A 90 10.34 6.88 -18.37
C SER A 90 11.08 5.84 -17.54
N TRP A 91 10.33 5.04 -16.80
CA TRP A 91 10.92 4.12 -15.83
C TRP A 91 10.94 2.69 -16.30
N ASN A 92 10.33 2.47 -17.47
CA ASN A 92 10.27 1.14 -18.05
C ASN A 92 11.65 0.57 -18.26
N GLU A 93 12.47 1.28 -19.02
CA GLU A 93 13.79 0.78 -19.37
C GLU A 93 14.79 0.57 -18.20
N PRO A 94 14.80 1.51 -17.23
CA PRO A 94 15.65 1.35 -16.04
C PRO A 94 15.28 0.16 -15.15
N LEU A 95 14.00 -0.03 -14.87
CA LEU A 95 13.55 -1.25 -14.19
C LEU A 95 14.05 -2.50 -14.89
N TYR A 96 13.81 -2.57 -16.19
CA TYR A 96 14.25 -3.72 -16.98
C TYR A 96 15.73 -4.01 -16.80
N HIS A 97 16.56 -2.98 -16.97
CA HIS A 97 17.98 -3.15 -16.78
C HIS A 97 18.34 -3.57 -15.35
N LEU A 98 17.70 -2.96 -14.36
CA LEU A 98 17.89 -3.36 -12.95
C LEU A 98 17.74 -4.88 -12.82
N VAL A 99 16.55 -5.40 -13.14
CA VAL A 99 16.27 -6.83 -13.06
C VAL A 99 17.33 -7.60 -13.82
N THR A 100 17.56 -7.19 -15.07
CA THR A 100 18.52 -7.89 -15.93
C THR A 100 19.91 -7.91 -15.33
N GLU A 101 20.41 -6.75 -14.92
CA GLU A 101 21.78 -6.60 -14.43
C GLU A 101 22.05 -7.25 -13.07
N VAL A 102 20.97 -7.49 -12.33
CA VAL A 102 21.06 -8.07 -11.01
C VAL A 102 20.98 -9.60 -11.13
N ARG A 103 20.19 -10.07 -12.08
CA ARG A 103 20.08 -11.49 -12.32
C ARG A 103 21.29 -12.02 -13.08
N GLY A 104 21.37 -11.69 -14.36
CA GLY A 104 22.37 -12.30 -15.22
C GLY A 104 23.73 -11.62 -15.33
N MET A 105 24.18 -10.94 -14.28
CA MET A 105 25.51 -10.35 -14.30
C MET A 105 26.07 -10.32 -12.89
N GLN A 106 25.15 -10.24 -11.93
CA GLN A 106 25.54 -10.18 -10.52
C GLN A 106 25.92 -11.58 -10.06
N GLU A 107 27.09 -11.66 -9.42
CA GLU A 107 27.58 -12.91 -8.86
C GLU A 107 26.87 -13.20 -7.54
N ALA A 108 25.99 -14.19 -7.55
CA ALA A 108 25.25 -14.55 -6.34
C ALA A 108 24.61 -13.29 -5.71
N PRO A 109 23.46 -12.85 -6.28
CA PRO A 109 22.66 -11.69 -5.86
C PRO A 109 21.74 -12.05 -4.70
N GLU A 110 21.10 -11.07 -4.07
CA GLU A 110 20.34 -11.40 -2.87
C GLU A 110 18.82 -11.45 -3.16
N ALA A 111 17.99 -11.22 -2.14
CA ALA A 111 16.54 -11.21 -2.32
C ALA A 111 16.07 -9.82 -2.71
N ILE A 112 17.02 -8.97 -3.09
CA ILE A 112 16.75 -7.67 -3.69
C ILE A 112 16.20 -7.85 -5.09
N LEU A 113 16.60 -8.95 -5.72
CA LEU A 113 16.16 -9.25 -7.07
C LEU A 113 14.66 -9.57 -7.10
N SER A 114 14.21 -10.41 -6.17
CA SER A 114 12.81 -10.80 -6.12
C SER A 114 11.83 -9.64 -6.00
N LYS A 115 12.23 -8.58 -5.31
CA LYS A 115 11.37 -7.42 -5.20
C LYS A 115 11.73 -6.35 -6.21
N ALA A 116 12.69 -6.64 -7.06
CA ALA A 116 12.94 -5.82 -8.26
C ALA A 116 11.99 -6.29 -9.38
N VAL A 117 12.01 -7.58 -9.65
CA VAL A 117 11.11 -8.22 -10.59
C VAL A 117 9.65 -7.86 -10.33
N GLU A 118 9.25 -7.84 -9.07
CA GLU A 118 7.87 -7.50 -8.74
C GLU A 118 7.55 -6.12 -9.24
N ILE A 119 8.44 -5.18 -8.97
CA ILE A 119 8.21 -3.83 -9.43
C ILE A 119 8.23 -3.80 -10.95
N GLU A 120 9.29 -4.33 -11.55
CA GLU A 120 9.34 -4.36 -13.00
C GLU A 120 7.96 -4.71 -13.56
N GLU A 121 7.36 -5.80 -13.06
CA GLU A 121 6.06 -6.29 -13.55
C GLU A 121 4.86 -5.39 -13.21
N GLN A 122 4.75 -4.96 -11.97
CA GLN A 122 3.62 -4.14 -11.53
C GLN A 122 3.63 -2.73 -12.12
N THR A 123 4.77 -2.31 -12.64
CA THR A 123 4.82 -1.01 -13.22
C THR A 123 4.11 -1.10 -14.55
N LYS A 124 4.56 -2.01 -15.40
CA LYS A 124 3.87 -2.25 -16.67
C LYS A 124 2.37 -2.37 -16.50
N ARG A 125 1.95 -3.12 -15.49
CA ARG A 125 0.54 -3.35 -15.26
C ARG A 125 -0.21 -2.06 -14.93
N LEU A 126 0.48 -1.16 -14.23
CA LEU A 126 -0.12 0.10 -13.82
C LEU A 126 -0.09 1.11 -14.94
N LEU A 127 0.94 1.07 -15.76
CA LEU A 127 0.96 1.86 -16.98
C LEU A 127 -0.15 1.41 -17.92
N GLU A 128 -0.38 0.10 -18.00
CA GLU A 128 -1.44 -0.38 -18.85
C GLU A 128 -2.74 0.26 -18.40
N GLY A 129 -2.90 0.36 -17.09
CA GLY A 129 -4.12 0.87 -16.53
C GLY A 129 -4.20 2.39 -16.63
N MET A 130 -3.04 3.01 -16.70
CA MET A 130 -2.93 4.47 -16.75
C MET A 130 -3.20 4.99 -18.15
N GLU A 131 -3.01 4.14 -19.14
CA GLU A 131 -3.26 4.53 -20.51
C GLU A 131 -4.76 4.50 -20.78
N LEU A 132 -5.45 3.56 -20.14
CA LEU A 132 -6.91 3.51 -20.26
C LEU A 132 -7.59 4.79 -19.81
N ILE A 133 -7.10 5.32 -18.69
CA ILE A 133 -7.70 6.46 -18.03
C ILE A 133 -7.34 7.78 -18.72
N VAL A 134 -6.09 7.94 -19.14
CA VAL A 134 -5.76 9.03 -20.07
C VAL A 134 -6.65 8.94 -21.31
N SER A 135 -6.91 7.73 -21.79
CA SER A 135 -7.78 7.54 -22.94
C SER A 135 -9.21 7.96 -22.65
N GLN A 136 -9.69 7.59 -21.47
CA GLN A 136 -11.08 7.84 -21.12
C GLN A 136 -11.40 9.33 -21.06
N VAL A 137 -10.51 10.10 -20.43
CA VAL A 137 -10.60 11.58 -20.49
C VAL A 137 -9.71 12.11 -21.61
N HIS A 138 -10.30 12.51 -22.73
CA HIS A 138 -9.48 12.81 -23.90
C HIS A 138 -8.57 14.01 -23.69
N PRO A 139 -7.31 13.85 -24.09
CA PRO A 139 -6.35 14.95 -24.09
C PRO A 139 -6.26 15.50 -25.50
N GLU A 140 -6.34 16.82 -25.65
CA GLU A 140 -6.28 17.43 -26.96
C GLU A 140 -4.83 17.70 -27.33
N THR A 141 -3.93 17.43 -26.38
CA THR A 141 -2.51 17.62 -26.61
C THR A 141 -1.91 16.41 -27.33
N LYS A 142 -0.86 15.84 -26.75
CA LYS A 142 -0.19 14.70 -27.36
C LYS A 142 0.35 13.77 -26.28
N TYR A 147 8.66 12.50 -23.68
CA TYR A 147 9.11 12.10 -22.35
C TYR A 147 10.61 11.71 -22.31
N PRO A 148 11.33 12.29 -21.31
CA PRO A 148 12.79 12.28 -21.08
C PRO A 148 13.30 10.89 -20.81
N VAL A 149 14.39 10.52 -21.48
CA VAL A 149 14.81 9.14 -21.51
C VAL A 149 16.24 9.00 -21.09
N TRP A 150 16.46 8.24 -20.03
CA TRP A 150 17.75 7.66 -19.74
C TRP A 150 17.64 6.54 -18.72
N SER A 151 18.48 5.55 -18.84
CA SER A 151 18.50 4.43 -17.90
C SER A 151 19.90 3.82 -17.80
N GLY A 152 20.89 4.49 -18.42
CA GLY A 152 22.28 4.03 -18.46
C GLY A 152 22.66 3.41 -17.13
N LEU A 153 23.07 2.15 -17.15
CA LEU A 153 23.37 1.41 -15.91
C LEU A 153 24.46 0.37 -16.20
N PRO A 154 25.61 0.50 -15.52
CA PRO A 154 26.79 -0.39 -15.65
C PRO A 154 26.62 -1.79 -15.02
N SER A 155 27.22 -2.79 -15.65
CA SER A 155 27.17 -4.17 -15.19
C SER A 155 27.89 -4.41 -13.85
N LEU A 156 28.44 -5.61 -13.68
CA LEU A 156 29.22 -6.02 -12.49
C LEU A 156 28.76 -5.39 -11.17
N ALA A 159 29.26 -6.50 -4.93
CA ALA A 159 29.86 -5.72 -6.00
C ALA A 159 30.80 -4.67 -5.42
N ASP A 160 31.96 -4.49 -6.04
CA ASP A 160 32.92 -3.51 -5.56
C ASP A 160 32.98 -2.31 -6.51
N GLU A 161 33.90 -1.39 -6.24
CA GLU A 161 34.09 -0.22 -7.06
C GLU A 161 33.00 0.80 -6.79
N GLU A 162 33.33 1.88 -6.09
CA GLU A 162 32.30 2.82 -5.65
C GLU A 162 31.60 3.49 -6.84
N SER A 163 32.31 3.61 -7.95
CA SER A 163 31.80 4.27 -9.14
C SER A 163 30.68 3.48 -9.83
N ARG A 164 30.70 2.17 -9.63
CA ARG A 164 29.73 1.28 -10.24
C ARG A 164 28.45 1.24 -9.41
N LEU A 165 28.57 1.16 -8.09
CA LEU A 165 27.39 1.20 -7.24
C LEU A 165 27.01 2.58 -6.73
N SER A 166 27.57 3.64 -7.29
CA SER A 166 26.95 4.95 -7.10
C SER A 166 25.77 5.11 -8.03
N ALA A 167 25.89 4.56 -9.25
CA ALA A 167 24.84 4.66 -10.25
C ALA A 167 23.66 3.82 -9.84
N TYR A 168 23.96 2.62 -9.35
CA TYR A 168 22.93 1.77 -8.76
C TYR A 168 22.20 2.48 -7.63
N TYR A 169 22.97 3.12 -6.77
CA TYR A 169 22.39 3.88 -5.68
C TYR A 169 21.40 4.93 -6.18
N ASN A 170 21.77 5.67 -7.23
CA ASN A 170 20.94 6.76 -7.73
C ASN A 170 19.67 6.28 -8.44
N LEU A 171 19.76 5.13 -9.12
CA LEU A 171 18.60 4.53 -9.75
C LEU A 171 17.60 4.12 -8.67
N LEU A 172 18.11 3.47 -7.64
CA LEU A 172 17.28 3.11 -6.51
C LEU A 172 16.68 4.37 -5.86
N HIS A 173 17.52 5.34 -5.56
CA HIS A 173 17.11 6.60 -4.93
C HIS A 173 16.03 7.32 -5.69
N CYS A 174 16.11 7.27 -7.02
CA CYS A 174 15.19 8.02 -7.89
C CYS A 174 13.96 7.23 -8.27
N LEU A 175 14.06 5.92 -8.18
CA LEU A 175 12.91 5.02 -8.24
C LEU A 175 12.05 5.26 -7.02
N ARG A 176 12.68 5.39 -5.85
CA ARG A 176 11.97 5.68 -4.59
C ARG A 176 11.23 7.01 -4.70
N ARG A 177 11.91 8.01 -5.26
CA ARG A 177 11.34 9.34 -5.34
C ARG A 177 10.14 9.37 -6.27
N ASP A 178 10.34 9.00 -7.53
CA ASP A 178 9.27 9.05 -8.53
C ASP A 178 8.09 8.15 -8.24
N SER A 179 8.35 6.93 -7.77
CA SER A 179 7.29 6.01 -7.43
C SER A 179 6.37 6.73 -6.44
N HIS A 180 6.97 7.45 -5.49
CA HIS A 180 6.23 8.27 -4.52
C HIS A 180 5.33 9.33 -5.19
N LYS A 181 5.93 10.22 -5.97
CA LYS A 181 5.18 11.20 -6.76
C LYS A 181 3.96 10.53 -7.38
N ILE A 182 4.25 9.60 -8.27
CA ILE A 182 3.24 8.88 -9.01
C ILE A 182 2.09 8.48 -8.10
N ASP A 183 2.42 7.77 -7.03
CA ASP A 183 1.46 7.43 -6.00
C ASP A 183 0.78 8.64 -5.36
N ASN A 184 1.53 9.71 -5.05
CA ASN A 184 0.92 10.90 -4.44
C ASN A 184 0.02 11.68 -5.40
N TYR A 185 0.44 11.87 -6.64
CA TYR A 185 -0.42 12.42 -7.70
C TYR A 185 -1.70 11.59 -8.01
N LEU A 186 -1.57 10.28 -8.13
CA LEU A 186 -2.74 9.49 -8.38
C LEU A 186 -3.78 9.61 -7.28
N LYS A 187 -3.35 9.73 -6.03
CA LYS A 187 -4.30 9.86 -4.92
C LYS A 187 -4.86 11.29 -4.82
N LEU A 188 -4.03 12.25 -5.18
CA LEU A 188 -4.49 13.63 -5.28
C LEU A 188 -5.68 13.69 -6.24
N LEU A 189 -5.43 13.17 -7.42
CA LEU A 189 -6.38 13.12 -8.52
C LEU A 189 -7.69 12.34 -8.22
N LYS A 190 -7.54 11.11 -7.76
CA LYS A 190 -8.68 10.28 -7.44
C LYS A 190 -9.64 11.00 -6.49
N CYS A 191 -9.13 11.88 -5.63
CA CYS A 191 -10.01 12.63 -4.73
C CYS A 191 -10.65 13.82 -5.41
N ARG A 192 -9.92 14.43 -6.32
CA ARG A 192 -10.43 15.61 -6.99
C ARG A 192 -11.60 15.35 -7.89
N ILE A 193 -11.44 14.43 -8.82
CA ILE A 193 -12.47 14.26 -9.85
C ILE A 193 -13.60 13.34 -9.42
N ILE A 194 -13.27 12.35 -8.60
CA ILE A 194 -14.25 11.36 -8.17
C ILE A 194 -14.93 11.73 -6.85
N HIS A 195 -14.14 12.18 -5.89
CA HIS A 195 -14.71 12.48 -4.59
C HIS A 195 -14.82 13.99 -4.36
N ASN A 196 -14.56 14.76 -5.41
CA ASN A 196 -14.82 16.19 -5.33
C ASN A 196 -14.20 16.71 -4.05
N ASN A 197 -12.92 16.40 -3.87
CA ASN A 197 -12.15 16.78 -2.71
C ASN A 197 -12.83 16.55 -1.39
N ASN A 198 -13.62 15.48 -1.27
CA ASN A 198 -14.23 15.19 0.00
C ASN A 198 -14.10 13.75 0.42
N CYS A 199 -12.87 13.32 0.63
CA CYS A 199 -12.59 11.96 1.02
C CYS A 199 -11.82 11.91 2.33
N GLN B 1 39.55 31.68 25.72
CA GLN B 1 38.30 31.86 24.99
C GLN B 1 38.50 31.60 23.49
N SER B 2 37.58 30.83 22.89
CA SER B 2 37.70 30.36 21.51
C SER B 2 36.41 30.46 20.71
N PRO B 3 36.51 30.31 19.38
CA PRO B 3 35.30 30.31 18.55
C PRO B 3 34.37 29.14 18.93
N PRO B 4 33.09 29.23 18.56
CA PRO B 4 32.10 28.20 18.89
C PRO B 4 32.49 26.83 18.36
N GLY B 5 32.40 25.79 19.17
CA GLY B 5 32.51 24.44 18.68
C GLY B 5 31.56 24.27 17.50
N LYS B 6 31.66 23.14 16.78
CA LYS B 6 30.81 22.80 15.64
C LYS B 6 29.41 22.40 16.11
N PRO B 7 28.37 23.09 15.61
CA PRO B 7 26.96 22.80 15.87
C PRO B 7 26.46 21.51 15.19
N GLU B 8 25.46 20.85 15.78
CA GLU B 8 25.00 19.58 15.26
C GLU B 8 23.50 19.55 14.98
N ILE B 9 23.13 19.62 13.70
CA ILE B 9 21.73 19.54 13.31
C ILE B 9 21.28 18.07 13.10
N HIS B 10 20.35 17.62 13.93
CA HIS B 10 20.04 16.20 14.02
C HIS B 10 18.64 15.82 13.53
N LYS B 11 17.63 16.60 13.89
CA LYS B 11 16.23 16.22 13.63
C LYS B 11 15.45 17.25 12.84
N CYS B 12 14.88 16.79 11.72
CA CYS B 12 13.88 17.54 10.95
C CYS B 12 12.58 16.78 10.92
N ARG B 13 11.48 17.49 10.91
CA ARG B 13 10.20 16.83 10.90
C ARG B 13 9.14 17.64 10.19
N SER B 14 8.21 16.93 9.58
CA SER B 14 7.11 17.58 8.89
C SER B 14 5.79 17.02 9.38
N PRO B 15 4.98 17.86 9.99
CA PRO B 15 3.78 17.39 10.66
C PRO B 15 2.65 17.16 9.66
N ASP B 16 2.70 17.85 8.51
CA ASP B 16 1.53 17.93 7.64
C ASP B 16 1.83 17.68 6.18
N LYS B 17 3.11 17.60 5.86
CA LYS B 17 3.51 17.36 4.47
C LYS B 17 3.34 18.60 3.57
N GLU B 18 3.30 19.79 4.18
CA GLU B 18 3.32 21.03 3.42
C GLU B 18 4.30 22.03 4.03
N THR B 19 4.61 21.84 5.31
CA THR B 19 5.68 22.59 5.97
C THR B 19 6.61 21.63 6.69
N PHE B 20 7.72 22.14 7.18
CA PHE B 20 8.59 21.32 7.99
C PHE B 20 9.48 22.17 8.89
N THR B 21 10.09 21.53 9.90
CA THR B 21 10.93 22.26 10.86
C THR B 21 12.21 21.51 11.15
N CYS B 22 13.30 22.25 11.38
CA CYS B 22 14.60 21.69 11.69
C CYS B 22 15.10 22.22 13.02
N TRP B 23 15.74 21.37 13.82
CA TRP B 23 16.28 21.77 15.14
C TRP B 23 17.76 21.52 15.30
N TRP B 24 18.47 22.48 15.86
CA TRP B 24 19.91 22.28 16.02
C TRP B 24 20.44 22.25 17.46
N ASN B 25 21.53 21.52 17.66
CA ASN B 25 22.20 21.45 18.94
C ASN B 25 23.44 22.34 18.91
N PRO B 26 23.44 23.42 19.70
CA PRO B 26 24.54 24.40 19.72
C PRO B 26 25.85 23.72 20.12
N GLY B 27 26.97 24.22 19.60
CA GLY B 27 28.25 23.65 19.93
C GLY B 27 28.78 24.28 21.21
N THR B 28 29.95 23.81 21.64
CA THR B 28 30.66 24.47 22.74
C THR B 28 30.75 25.95 22.43
N ASP B 29 30.19 26.81 23.27
CA ASP B 29 30.19 28.25 22.97
C ASP B 29 31.52 28.98 23.22
N GLY B 30 32.59 28.20 23.42
CA GLY B 30 33.91 28.73 23.69
C GLY B 30 34.01 29.83 24.73
N GLY B 31 33.02 29.96 25.62
CA GLY B 31 33.11 30.86 26.76
C GLY B 31 32.32 32.15 26.58
N LEU B 32 32.03 32.50 25.33
CA LEU B 32 31.29 33.74 25.04
C LEU B 32 29.86 33.43 24.60
N PRO B 33 29.02 34.49 24.48
CA PRO B 33 27.67 34.45 23.87
C PRO B 33 27.76 34.12 22.37
N THR B 34 26.82 33.34 21.84
CA THR B 34 26.87 32.90 20.44
C THR B 34 25.57 33.11 19.67
N ASN B 35 25.67 33.81 18.54
CA ASN B 35 24.55 33.95 17.63
C ASN B 35 24.50 32.85 16.57
N TYR B 36 23.33 32.26 16.38
CA TYR B 36 23.17 31.20 15.39
C TYR B 36 22.35 31.64 14.18
N SER B 37 22.63 31.00 13.05
CA SER B 37 21.83 31.13 11.85
C SER B 37 21.77 29.78 11.10
N LEU B 38 20.79 29.63 10.23
CA LEU B 38 20.73 28.44 9.38
C LEU B 38 20.76 28.84 7.91
N THR B 39 21.56 28.14 7.11
CA THR B 39 21.53 28.37 5.67
C THR B 39 21.36 27.08 4.91
N TYR B 40 20.74 27.18 3.73
CA TYR B 40 20.34 26.00 3.00
C TYR B 40 20.38 26.20 1.52
N SER B 41 20.47 25.10 0.79
CA SER B 41 20.58 25.14 -0.66
C SER B 41 19.67 24.06 -1.21
N LYS B 42 18.72 24.45 -2.03
CA LYS B 42 17.80 23.48 -2.63
C LYS B 42 18.48 22.70 -3.76
N GLU B 43 17.87 21.57 -4.10
CA GLU B 43 18.36 20.71 -5.17
C GLU B 43 17.93 21.35 -6.49
N GLY B 44 18.89 21.56 -7.39
CA GLY B 44 18.61 22.29 -8.62
C GLY B 44 19.20 23.70 -8.59
N GLU B 45 18.72 24.54 -7.68
CA GLU B 45 19.25 25.89 -7.56
C GLU B 45 20.64 25.89 -6.94
N LYS B 46 21.50 26.75 -7.46
CA LYS B 46 22.83 26.91 -6.90
C LYS B 46 22.86 28.20 -6.08
N THR B 47 21.73 28.50 -5.44
CA THR B 47 21.61 29.67 -4.60
C THR B 47 21.31 29.27 -3.18
N THR B 48 22.04 29.88 -2.26
CA THR B 48 21.94 29.57 -0.85
C THR B 48 21.04 30.61 -0.20
N TYR B 49 20.08 30.15 0.58
CA TYR B 49 19.16 31.05 1.25
C TYR B 49 19.36 30.96 2.77
N GLU B 50 18.89 31.95 3.50
CA GLU B 50 18.88 31.86 4.96
C GLU B 50 17.46 31.47 5.42
N CYS B 51 17.38 30.71 6.51
CA CYS B 51 16.12 30.32 7.10
C CYS B 51 15.14 31.47 7.12
N PRO B 52 13.86 31.18 6.80
CA PRO B 52 12.75 32.14 6.74
C PRO B 52 12.06 32.40 8.07
N ASP B 53 12.33 31.61 9.09
CA ASP B 53 11.55 31.71 10.31
C ASP B 53 12.17 30.99 11.52
N TYR B 54 12.85 31.78 12.34
CA TYR B 54 13.60 31.30 13.49
C TYR B 54 12.71 31.41 14.69
N LYS B 55 11.53 32.00 14.48
CA LYS B 55 10.64 32.36 15.58
C LYS B 55 9.48 31.38 15.73
N THR B 56 9.03 30.83 14.60
CA THR B 56 7.80 30.02 14.58
C THR B 56 7.87 28.74 15.37
N SER B 57 9.01 28.06 15.36
CA SER B 57 9.09 26.79 16.07
C SER B 57 9.87 26.94 17.39
N GLY B 58 10.25 28.18 17.69
CA GLY B 58 10.89 28.50 18.96
C GLY B 58 12.40 28.60 18.91
N PRO B 59 13.05 28.26 20.04
CA PRO B 59 14.51 28.36 20.20
C PRO B 59 15.24 27.25 19.46
N ASN B 60 16.27 27.62 18.71
CA ASN B 60 17.11 26.63 18.05
C ASN B 60 16.37 25.83 16.97
N SER B 61 15.44 26.49 16.30
CA SER B 61 14.63 25.84 15.26
C SER B 61 14.51 26.68 14.01
N CYS B 62 14.09 26.03 12.92
CA CYS B 62 13.80 26.71 11.68
C CYS B 62 12.55 26.11 11.04
N PHE B 63 11.54 26.95 10.83
CA PHE B 63 10.25 26.52 10.31
C PHE B 63 10.09 26.94 8.85
N PHE B 64 9.69 26.00 8.00
CA PHE B 64 9.52 26.29 6.59
C PHE B 64 8.04 26.28 6.22
N SER B 65 7.49 27.48 5.97
CA SER B 65 6.10 27.56 5.54
C SER B 65 5.85 26.88 4.18
N LYS B 66 4.57 26.69 3.85
CA LYS B 66 4.17 26.21 2.54
C LYS B 66 4.94 26.92 1.42
N GLN B 67 5.09 28.22 1.53
CA GLN B 67 5.79 28.98 0.50
C GLN B 67 7.23 28.50 0.30
N TYR B 68 7.87 27.97 1.34
CA TYR B 68 9.31 27.65 1.28
C TYR B 68 9.53 26.17 1.21
N THR B 69 8.52 25.43 1.61
CA THR B 69 8.60 23.98 1.61
C THR B 69 8.20 23.37 0.27
N SER B 70 9.09 22.62 -0.35
CA SER B 70 8.68 21.89 -1.52
C SER B 70 9.05 20.43 -1.34
N ILE B 71 8.11 19.55 -1.64
CA ILE B 71 8.34 18.15 -1.44
C ILE B 71 9.20 17.62 -2.62
N TRP B 72 9.74 16.43 -2.41
CA TRP B 72 10.58 15.76 -3.40
C TRP B 72 11.71 16.69 -3.82
N LYS B 73 12.28 17.45 -2.89
CA LYS B 73 13.53 18.17 -3.13
C LYS B 73 14.43 17.72 -1.99
N ILE B 74 15.73 17.63 -2.27
CA ILE B 74 16.70 17.36 -1.23
C ILE B 74 17.21 18.72 -0.81
N TYR B 75 17.07 19.06 0.47
CA TYR B 75 17.60 20.30 0.99
C TYR B 75 18.98 20.03 1.59
N ILE B 76 19.94 20.91 1.33
CA ILE B 76 21.24 20.79 1.98
C ILE B 76 21.39 21.81 3.11
N ILE B 77 21.03 21.39 4.31
CA ILE B 77 21.03 22.26 5.49
C ILE B 77 22.37 22.27 6.22
N THR B 78 22.82 23.46 6.58
CA THR B 78 24.01 23.67 7.40
C THR B 78 23.75 24.80 8.38
N VAL B 79 24.18 24.63 9.63
CA VAL B 79 23.95 25.65 10.65
C VAL B 79 25.24 26.37 11.02
N ASN B 80 25.13 27.66 11.34
CA ASN B 80 26.30 28.48 11.59
C ASN B 80 26.37 29.14 12.97
N ALA B 81 27.55 29.08 13.59
CA ALA B 81 27.77 29.61 14.93
C ALA B 81 28.83 30.71 14.90
N THR B 82 28.44 31.92 15.27
CA THR B 82 29.38 33.02 15.34
C THR B 82 29.37 33.67 16.74
N ASN B 83 30.56 33.79 17.33
CA ASN B 83 30.73 34.57 18.54
C ASN B 83 31.80 35.61 18.26
N GLN B 84 32.36 36.22 19.30
CA GLN B 84 33.25 37.37 19.12
C GLN B 84 34.63 36.91 18.71
N MET B 85 34.95 35.68 19.07
CA MET B 85 36.26 35.10 18.79
C MET B 85 36.38 34.65 17.34
N GLY B 86 35.31 34.03 16.85
CA GLY B 86 35.31 33.45 15.53
C GLY B 86 33.93 32.94 15.15
N SER B 87 33.91 31.89 14.34
CA SER B 87 32.68 31.32 13.83
C SER B 87 32.96 29.95 13.23
N SER B 88 31.99 29.05 13.33
CA SER B 88 32.13 27.72 12.76
C SER B 88 30.82 27.25 12.15
N SER B 89 30.94 26.36 11.18
CA SER B 89 29.79 25.84 10.49
C SER B 89 29.68 24.35 10.75
N SER B 90 28.45 23.85 10.77
CA SER B 90 28.19 22.47 11.09
C SER B 90 28.42 21.66 9.84
N ASP B 91 28.42 20.34 9.99
CA ASP B 91 28.46 19.49 8.82
C ASP B 91 27.14 19.66 8.08
N PRO B 92 27.17 19.64 6.73
CA PRO B 92 25.92 19.82 6.00
C PRO B 92 25.02 18.60 6.23
N LEU B 93 23.72 18.84 6.36
CA LEU B 93 22.70 17.80 6.44
C LEU B 93 21.89 17.76 5.13
N TYR B 94 21.84 16.60 4.47
CA TYR B 94 20.97 16.45 3.31
C TYR B 94 19.59 16.01 3.75
N VAL B 95 18.60 16.90 3.62
CA VAL B 95 17.23 16.61 4.07
C VAL B 95 16.19 16.58 2.95
N ASP B 96 15.45 15.47 2.87
CA ASP B 96 14.39 15.32 1.88
C ASP B 96 13.03 15.21 2.55
N VAL B 97 12.30 16.33 2.58
CA VAL B 97 10.99 16.44 3.22
C VAL B 97 10.02 15.25 3.02
N THR B 98 10.06 14.61 1.86
CA THR B 98 9.17 13.51 1.55
C THR B 98 9.20 12.43 2.61
N TYR B 99 10.37 12.24 3.22
CA TYR B 99 10.58 11.12 4.14
C TYR B 99 10.82 11.54 5.58
N ILE B 100 10.44 12.77 5.92
CA ILE B 100 10.47 13.22 7.30
C ILE B 100 9.06 13.55 7.80
N VAL B 101 8.03 12.84 7.31
CA VAL B 101 6.65 13.14 7.71
C VAL B 101 6.21 12.40 8.97
N GLU B 102 5.91 13.18 10.02
CA GLU B 102 5.48 12.60 11.28
C GLU B 102 4.35 13.45 11.89
N PRO B 103 3.12 12.95 11.76
CA PRO B 103 1.86 13.64 12.06
C PRO B 103 1.51 13.66 13.55
N GLU B 104 0.76 14.67 13.97
CA GLU B 104 0.28 14.75 15.34
C GLU B 104 -0.69 13.60 15.62
N PRO B 105 -0.99 13.33 16.90
CA PRO B 105 -1.98 12.29 17.25
C PRO B 105 -3.38 12.68 16.80
N PRO B 106 -4.22 11.68 16.54
CA PRO B 106 -5.67 11.71 16.25
C PRO B 106 -6.46 12.40 17.39
N ARG B 107 -7.55 13.09 17.05
CA ARG B 107 -8.39 13.74 18.06
C ARG B 107 -9.77 13.11 18.12
N ASN B 108 -10.65 13.69 18.94
CA ASN B 108 -12.07 13.34 18.94
C ASN B 108 -12.32 11.85 18.96
N LEU B 109 -11.53 11.16 19.77
CA LEU B 109 -11.74 9.76 19.98
C LEU B 109 -13.09 9.59 20.71
N THR B 110 -13.91 8.66 20.19
CA THR B 110 -15.23 8.41 20.74
C THR B 110 -15.45 6.93 20.74
N LEU B 111 -16.27 6.45 21.65
CA LEU B 111 -16.42 5.01 21.83
C LEU B 111 -17.90 4.71 21.95
N GLU B 112 -18.41 3.75 21.18
CA GLU B 112 -19.81 3.41 21.31
C GLU B 112 -20.05 1.91 21.42
N VAL B 113 -21.04 1.55 22.23
CA VAL B 113 -21.52 0.18 22.27
C VAL B 113 -22.76 0.08 21.39
N LYS B 114 -22.67 -0.82 20.42
CA LYS B 114 -23.70 -0.91 19.38
C LYS B 114 -24.07 -2.40 19.23
N GLN B 115 -25.07 -2.70 18.41
CA GLN B 115 -25.49 -4.08 18.23
C GLN B 115 -26.28 -4.20 16.95
N LEU B 116 -25.98 -5.21 16.15
CA LEU B 116 -26.73 -5.34 14.91
C LEU B 116 -27.70 -6.54 14.85
N LYS B 117 -27.26 -7.72 15.31
CA LYS B 117 -28.09 -8.93 15.23
C LYS B 117 -29.13 -8.85 14.13
N LYS B 120 -23.77 -9.81 16.97
CA LYS B 120 -24.07 -9.52 18.37
C LYS B 120 -23.54 -8.14 18.75
N THR B 121 -23.25 -7.99 20.04
CA THR B 121 -22.75 -6.74 20.60
C THR B 121 -21.25 -6.53 20.39
N TYR B 122 -20.89 -5.29 20.10
CA TYR B 122 -19.52 -4.91 19.81
C TYR B 122 -19.34 -3.45 20.22
N LEU B 123 -18.10 -3.06 20.50
CA LEU B 123 -17.75 -1.67 20.77
C LEU B 123 -17.14 -1.13 19.50
N TRP B 124 -17.50 0.07 19.10
CA TRP B 124 -16.72 0.64 18.03
C TRP B 124 -16.19 2.02 18.26
N VAL B 125 -14.93 2.11 17.88
CA VAL B 125 -14.06 3.25 18.06
C VAL B 125 -14.23 4.18 16.86
N LYS B 126 -14.30 5.48 17.11
CA LYS B 126 -14.49 6.45 16.06
C LYS B 126 -13.65 7.70 16.36
N TRP B 127 -12.69 8.00 15.49
CA TRP B 127 -11.79 9.14 15.69
C TRP B 127 -11.62 9.97 14.42
N SER B 128 -10.82 11.02 14.54
CA SER B 128 -10.59 12.00 13.49
C SER B 128 -9.09 12.28 13.34
N PRO B 129 -8.64 12.69 12.15
CA PRO B 129 -7.23 13.05 12.03
C PRO B 129 -6.96 14.48 12.57
N PRO B 130 -5.68 14.87 12.60
CA PRO B 130 -5.19 16.21 12.90
C PRO B 130 -5.74 17.20 11.91
N THR B 131 -5.94 18.39 12.44
CA THR B 131 -6.60 19.45 11.74
C THR B 131 -5.69 19.91 10.59
N ILE B 132 -4.38 19.90 10.83
CA ILE B 132 -3.41 20.38 9.85
C ILE B 132 -3.19 19.49 8.61
N THR B 133 -3.28 18.16 8.76
CA THR B 133 -3.13 17.30 7.58
C THR B 133 -4.33 17.43 6.66
N ASP B 134 -4.11 17.39 5.34
CA ASP B 134 -5.23 17.49 4.41
C ASP B 134 -5.53 16.19 3.72
N VAL B 135 -6.26 15.34 4.42
CA VAL B 135 -6.74 14.08 3.88
C VAL B 135 -7.99 14.24 2.98
N LYS B 136 -8.68 15.39 3.06
CA LYS B 136 -9.86 15.67 2.22
C LYS B 136 -9.56 15.78 0.75
N THR B 137 -8.45 16.42 0.38
CA THR B 137 -8.16 16.61 -1.04
C THR B 137 -7.30 15.47 -1.59
N GLY B 138 -7.06 14.44 -0.78
CA GLY B 138 -6.18 13.36 -1.20
C GLY B 138 -4.68 13.63 -1.13
N TRP B 139 -4.31 14.89 -0.89
CA TRP B 139 -2.90 15.25 -0.77
C TRP B 139 -2.19 14.49 0.35
N PHE B 140 -2.88 14.25 1.44
CA PHE B 140 -2.32 13.53 2.57
C PHE B 140 -3.22 12.34 2.86
N THR B 141 -2.75 11.15 2.49
CA THR B 141 -3.52 9.94 2.76
C THR B 141 -3.03 9.37 4.10
N MET B 142 -3.93 8.90 4.95
CA MET B 142 -3.49 8.45 6.27
C MET B 142 -4.05 7.14 6.76
N GLU B 143 -3.19 6.42 7.47
CA GLU B 143 -3.49 5.11 8.04
C GLU B 143 -3.42 5.15 9.56
N TYR B 144 -4.33 4.40 10.19
CA TYR B 144 -4.48 4.41 11.64
C TYR B 144 -4.27 3.04 12.27
N GLU B 145 -4.04 3.04 13.57
CA GLU B 145 -3.99 1.82 14.38
C GLU B 145 -4.74 2.11 15.69
N ILE B 146 -5.23 1.06 16.34
CA ILE B 146 -5.82 1.19 17.67
C ILE B 146 -5.30 0.13 18.63
N ARG B 147 -5.25 0.45 19.91
CA ARG B 147 -4.82 -0.53 20.90
C ARG B 147 -5.74 -0.57 22.11
N LEU B 148 -5.95 -1.77 22.64
CA LEU B 148 -6.91 -1.98 23.71
C LEU B 148 -6.38 -2.92 24.77
N LYS B 149 -6.63 -2.59 26.03
CA LYS B 149 -6.27 -3.47 27.13
C LYS B 149 -7.11 -3.17 28.36
N PRO B 150 -7.48 -4.22 29.10
CA PRO B 150 -8.24 -4.05 30.34
C PRO B 150 -7.46 -3.25 31.41
N GLU B 151 -8.20 -2.57 32.27
CA GLU B 151 -7.66 -1.61 33.22
C GLU B 151 -6.30 -2.05 33.77
N GLU B 152 -6.22 -3.30 34.21
CA GLU B 152 -4.95 -3.81 34.75
C GLU B 152 -4.37 -4.93 33.91
N ALA B 153 -3.56 -4.55 32.93
CA ALA B 153 -2.93 -5.55 32.07
C ALA B 153 -1.59 -5.01 31.61
N GLU B 154 -0.77 -5.88 31.02
CA GLU B 154 0.53 -5.46 30.52
C GLU B 154 0.70 -5.83 29.05
N GLU B 155 -0.41 -6.06 28.38
CA GLU B 155 -0.38 -6.47 26.98
C GLU B 155 -1.51 -5.82 26.19
N TRP B 156 -1.18 -4.90 25.28
CA TRP B 156 -2.20 -4.31 24.41
C TRP B 156 -2.45 -5.24 23.21
N GLU B 157 -3.69 -5.23 22.71
CA GLU B 157 -4.00 -5.89 21.46
C GLU B 157 -4.13 -4.86 20.33
N ILE B 158 -3.48 -5.14 19.21
CA ILE B 158 -3.35 -4.16 18.15
C ILE B 158 -4.28 -4.53 16.96
N HIS B 159 -4.94 -3.52 16.42
CA HIS B 159 -5.82 -3.68 15.26
C HIS B 159 -5.55 -2.61 14.20
N PHE B 160 -4.97 -3.01 13.07
CA PHE B 160 -4.69 -2.08 11.98
C PHE B 160 -6.02 -1.73 11.32
N THR B 161 -6.35 -0.43 11.24
CA THR B 161 -7.69 -0.05 10.73
C THR B 161 -7.69 0.49 9.31
N GLY B 162 -6.54 0.46 8.64
CA GLY B 162 -6.46 0.99 7.30
C GLY B 162 -6.63 2.49 7.26
N HIS B 163 -7.58 2.94 6.46
CA HIS B 163 -7.75 4.37 6.18
C HIS B 163 -9.09 4.78 6.73
N GLN B 164 -9.68 3.86 7.45
CA GLN B 164 -10.93 4.06 8.13
C GLN B 164 -10.65 4.70 9.49
N THR B 165 -11.34 5.81 9.74
CA THR B 165 -11.31 6.50 11.02
C THR B 165 -12.39 5.93 11.93
N GLN B 166 -12.67 4.64 11.75
CA GLN B 166 -13.53 3.88 12.64
C GLN B 166 -13.20 2.42 12.52
N PHE B 167 -13.59 1.67 13.52
CA PHE B 167 -13.30 0.26 13.55
C PHE B 167 -14.22 -0.35 14.59
N LYS B 168 -14.81 -1.49 14.25
CA LYS B 168 -15.67 -2.16 15.21
C LYS B 168 -14.91 -3.31 15.85
N VAL B 169 -14.96 -3.41 17.18
CA VAL B 169 -14.24 -4.48 17.89
C VAL B 169 -15.19 -5.53 18.50
N PHE B 170 -14.86 -6.79 18.27
CA PHE B 170 -15.77 -7.90 18.56
C PHE B 170 -15.30 -8.87 19.66
N ASP B 171 -13.99 -9.01 19.84
CA ASP B 171 -13.44 -10.01 20.77
C ASP B 171 -13.35 -9.53 22.21
N LEU B 172 -13.99 -8.40 22.53
CA LEU B 172 -13.96 -7.86 23.89
C LEU B 172 -14.82 -8.69 24.85
N TYR B 173 -14.34 -8.84 26.09
CA TYR B 173 -15.04 -9.64 27.09
C TYR B 173 -16.04 -8.77 27.81
N PRO B 174 -17.27 -9.26 27.94
CA PRO B 174 -18.36 -8.57 28.65
C PRO B 174 -18.01 -8.43 30.12
N GLY B 175 -18.20 -7.23 30.68
CA GLY B 175 -17.88 -6.99 32.07
C GLY B 175 -16.81 -5.94 32.32
N GLN B 176 -15.55 -6.30 32.12
CA GLN B 176 -14.45 -5.42 32.52
C GLN B 176 -14.31 -4.23 31.59
N LYS B 177 -13.74 -3.16 32.13
CA LYS B 177 -13.51 -1.95 31.37
C LYS B 177 -12.19 -2.06 30.63
N TYR B 178 -12.18 -1.40 29.48
CA TYR B 178 -11.09 -1.45 28.54
C TYR B 178 -10.62 -0.03 28.27
N LEU B 179 -9.35 0.07 27.91
CA LEU B 179 -8.71 1.33 27.59
C LEU B 179 -8.35 1.30 26.14
N VAL B 180 -8.51 2.44 25.47
CA VAL B 180 -8.28 2.47 24.04
C VAL B 180 -7.57 3.76 23.64
N GLN B 181 -6.74 3.64 22.60
CA GLN B 181 -5.86 4.69 22.14
C GLN B 181 -5.68 4.45 20.65
N THR B 182 -5.58 5.51 19.85
CA THR B 182 -5.26 5.35 18.44
C THR B 182 -3.99 6.10 18.10
N ARG B 183 -3.39 5.75 16.97
CA ARG B 183 -2.29 6.55 16.43
C ARG B 183 -2.33 6.45 14.92
N CYS B 184 -1.68 7.39 14.25
CA CYS B 184 -1.76 7.46 12.82
C CYS B 184 -0.38 7.46 12.14
N LYS B 185 -0.44 7.37 10.82
CA LYS B 185 0.72 7.20 9.99
C LYS B 185 0.29 7.68 8.62
N PRO B 186 1.23 8.24 7.88
CA PRO B 186 0.96 8.55 6.49
C PRO B 186 1.12 7.30 5.66
N ASP B 187 0.49 7.25 4.49
CA ASP B 187 0.68 6.10 3.61
C ASP B 187 2.13 5.64 3.69
N HIS B 188 3.05 6.60 3.64
CA HIS B 188 4.45 6.33 3.85
C HIS B 188 5.02 7.36 4.78
N GLY B 189 5.39 6.94 5.97
CA GLY B 189 5.82 7.86 6.98
C GLY B 189 6.04 7.20 8.31
N TYR B 190 6.02 8.02 9.35
CA TYR B 190 6.27 7.56 10.70
C TYR B 190 5.01 7.57 11.56
N TRP B 191 4.99 6.75 12.60
CA TRP B 191 3.84 6.73 13.52
C TRP B 191 3.92 7.90 14.50
N SER B 192 2.74 8.35 14.90
CA SER B 192 2.58 9.48 15.80
C SER B 192 2.58 9.05 17.27
N ARG B 193 2.55 10.02 18.16
CA ARG B 193 2.35 9.73 19.56
C ARG B 193 0.91 9.35 19.78
N TRP B 194 0.65 8.32 20.56
CA TRP B 194 -0.72 7.87 20.80
C TRP B 194 -1.65 8.94 21.36
N SER B 195 -2.92 8.79 21.04
CA SER B 195 -3.96 9.76 21.39
C SER B 195 -4.42 9.61 22.83
N GLN B 196 -4.83 10.71 23.44
CA GLN B 196 -5.38 10.67 24.78
C GLN B 196 -6.29 9.46 24.90
N GLU B 197 -6.06 8.63 25.92
CA GLU B 197 -6.84 7.42 26.11
C GLU B 197 -8.27 7.73 26.54
N SER B 198 -9.16 6.83 26.13
CA SER B 198 -10.56 6.85 26.49
C SER B 198 -10.76 5.52 27.20
N SER B 199 -11.87 5.37 27.90
CA SER B 199 -12.13 4.13 28.62
C SER B 199 -13.61 3.89 28.73
N VAL B 200 -14.04 2.65 28.55
CA VAL B 200 -15.45 2.31 28.70
C VAL B 200 -15.63 0.90 29.22
N GLU B 201 -16.65 0.72 30.06
CA GLU B 201 -16.98 -0.60 30.56
C GLU B 201 -17.98 -1.30 29.64
N MET B 202 -17.89 -2.62 29.59
CA MET B 202 -18.66 -3.40 28.62
C MET B 202 -19.80 -4.22 29.29
N PRO B 203 -21.03 -4.13 28.74
CA PRO B 203 -22.19 -4.79 29.36
C PRO B 203 -21.97 -6.29 29.52
N ASN B 204 -22.90 -6.96 30.21
CA ASN B 204 -22.80 -8.39 30.47
C ASN B 204 -23.31 -9.22 29.30
N GLN C 1 -29.18 -37.45 -33.75
CA GLN C 1 -29.52 -36.32 -32.90
C GLN C 1 -28.61 -35.12 -33.20
N SER C 2 -29.11 -33.90 -33.04
CA SER C 2 -28.29 -32.69 -33.15
C SER C 2 -27.65 -32.39 -31.78
N PRO C 3 -26.84 -31.31 -31.70
CA PRO C 3 -26.26 -31.01 -30.38
C PRO C 3 -26.94 -29.85 -29.71
N PRO C 4 -28.15 -30.03 -29.14
CA PRO C 4 -28.80 -28.84 -28.61
C PRO C 4 -28.07 -28.27 -27.38
N GLY C 5 -26.80 -27.90 -27.54
CA GLY C 5 -26.02 -27.33 -26.48
C GLY C 5 -26.63 -26.19 -25.69
N LYS C 6 -27.03 -26.50 -24.47
CA LYS C 6 -27.48 -25.49 -23.53
C LYS C 6 -26.43 -25.30 -22.45
N PRO C 7 -25.23 -24.86 -22.84
CA PRO C 7 -24.13 -24.88 -21.89
C PRO C 7 -24.31 -23.79 -20.85
N GLU C 8 -24.72 -24.18 -19.64
CA GLU C 8 -24.84 -23.24 -18.54
C GLU C 8 -23.46 -22.91 -18.03
N ILE C 9 -23.06 -21.64 -18.19
CA ILE C 9 -21.77 -21.15 -17.70
C ILE C 9 -21.82 -20.87 -16.18
N HIS C 10 -21.14 -21.76 -15.44
CA HIS C 10 -21.21 -21.80 -13.98
C HIS C 10 -20.86 -20.47 -13.31
N LYS C 11 -19.55 -20.25 -13.12
CA LYS C 11 -19.07 -19.06 -12.47
C LYS C 11 -17.60 -18.97 -12.76
N CYS C 12 -17.06 -17.78 -12.55
CA CYS C 12 -15.63 -17.62 -12.63
C CYS C 12 -15.20 -17.11 -11.30
N ARG C 13 -14.04 -17.56 -10.88
CA ARG C 13 -13.50 -17.13 -9.62
C ARG C 13 -12.04 -16.85 -9.78
N SER C 14 -11.55 -15.98 -8.88
CA SER C 14 -10.18 -15.53 -8.86
C SER C 14 -9.73 -15.54 -7.43
N PRO C 15 -8.58 -16.15 -7.15
CA PRO C 15 -8.05 -16.18 -5.79
C PRO C 15 -7.29 -14.90 -5.42
N ASP C 16 -6.63 -14.27 -6.38
CA ASP C 16 -5.70 -13.21 -6.02
C ASP C 16 -5.62 -12.08 -7.04
N LYS C 17 -6.61 -12.03 -7.93
CA LYS C 17 -6.69 -11.02 -8.96
C LYS C 17 -5.67 -11.19 -10.05
N GLU C 18 -4.70 -12.08 -9.84
CA GLU C 18 -3.67 -12.27 -10.85
C GLU C 18 -3.98 -13.45 -11.78
N THR C 19 -4.82 -14.37 -11.32
CA THR C 19 -5.31 -15.50 -12.13
C THR C 19 -6.77 -15.78 -11.80
N PHE C 20 -7.56 -16.16 -12.79
CA PHE C 20 -8.93 -16.59 -12.49
C PHE C 20 -9.36 -17.80 -13.32
N THR C 21 -10.26 -18.59 -12.73
CA THR C 21 -10.76 -19.81 -13.37
C THR C 21 -12.25 -19.71 -13.64
N CYS C 22 -12.67 -20.26 -14.77
CA CYS C 22 -14.06 -20.32 -15.16
C CYS C 22 -14.52 -21.77 -15.15
N TRP C 23 -15.70 -22.03 -14.60
CA TRP C 23 -16.30 -23.38 -14.64
C TRP C 23 -17.53 -23.43 -15.52
N TRP C 24 -17.71 -24.52 -16.24
CA TRP C 24 -18.92 -24.69 -17.03
C TRP C 24 -19.56 -26.07 -16.89
N ASN C 25 -20.85 -26.15 -17.20
CA ASN C 25 -21.60 -27.38 -17.15
C ASN C 25 -21.97 -27.87 -18.54
N PRO C 26 -21.78 -29.17 -18.79
CA PRO C 26 -22.01 -29.75 -20.12
C PRO C 26 -23.43 -29.44 -20.57
N GLY C 27 -23.56 -29.17 -21.86
CA GLY C 27 -24.81 -28.72 -22.41
C GLY C 27 -25.95 -29.72 -22.29
N THR C 28 -25.86 -30.78 -23.08
CA THR C 28 -26.93 -31.75 -23.20
C THR C 28 -26.41 -32.98 -23.93
N ASP C 29 -25.31 -32.79 -24.67
CA ASP C 29 -24.61 -33.88 -25.34
C ASP C 29 -25.41 -34.35 -26.54
N GLY C 30 -26.73 -34.28 -26.43
CA GLY C 30 -27.62 -34.76 -27.48
C GLY C 30 -27.63 -36.27 -27.55
N GLY C 31 -26.60 -36.83 -28.18
CA GLY C 31 -26.51 -38.27 -28.30
C GLY C 31 -25.23 -38.69 -29.00
N LEU C 32 -24.38 -37.72 -29.27
CA LEU C 32 -23.09 -37.95 -29.91
C LEU C 32 -21.99 -37.40 -29.02
N PRO C 33 -20.76 -37.90 -29.21
CA PRO C 33 -19.57 -37.35 -28.55
C PRO C 33 -19.44 -35.83 -28.81
N THR C 34 -19.54 -35.03 -27.75
CA THR C 34 -19.42 -33.58 -27.87
C THR C 34 -18.13 -33.07 -27.23
N ASN C 35 -17.41 -32.23 -27.95
CA ASN C 35 -16.30 -31.48 -27.37
C ASN C 35 -16.79 -30.14 -26.87
N TYR C 36 -16.15 -29.63 -25.83
CA TYR C 36 -16.43 -28.28 -25.34
C TYR C 36 -15.19 -27.40 -25.42
N SER C 37 -15.35 -26.19 -25.92
CA SER C 37 -14.20 -25.29 -26.03
C SER C 37 -14.59 -23.87 -25.69
N LEU C 38 -13.89 -23.30 -24.72
CA LEU C 38 -14.23 -22.00 -24.16
C LEU C 38 -13.51 -20.82 -24.83
N THR C 39 -14.23 -20.08 -25.67
CA THR C 39 -13.64 -18.93 -26.32
C THR C 39 -13.98 -17.67 -25.53
N TYR C 40 -13.08 -16.70 -25.55
CA TYR C 40 -13.37 -15.40 -24.95
C TYR C 40 -12.90 -14.28 -25.85
N SER C 41 -13.01 -13.05 -25.34
CA SER C 41 -12.60 -11.87 -26.07
C SER C 41 -12.84 -10.66 -25.20
N LYS C 42 -11.91 -9.72 -25.27
CA LYS C 42 -11.93 -8.54 -24.44
C LYS C 42 -12.56 -7.39 -25.20
N GLU C 43 -13.67 -6.87 -24.71
CA GLU C 43 -14.38 -5.90 -25.54
C GLU C 43 -13.61 -4.61 -25.69
N GLY C 44 -13.23 -4.33 -26.93
CA GLY C 44 -12.46 -3.17 -27.28
C GLY C 44 -11.73 -3.50 -28.56
N GLU C 45 -11.34 -4.77 -28.71
CA GLU C 45 -10.67 -5.28 -29.91
C GLU C 45 -11.37 -6.53 -30.42
N LYS C 46 -11.77 -6.51 -31.69
CA LYS C 46 -12.48 -7.63 -32.25
C LYS C 46 -11.56 -8.80 -32.57
N THR C 47 -10.89 -9.33 -31.55
CA THR C 47 -9.99 -10.48 -31.71
C THR C 47 -10.32 -11.57 -30.71
N THR C 48 -10.91 -12.66 -31.22
CA THR C 48 -11.43 -13.75 -30.37
C THR C 48 -10.43 -14.87 -30.07
N TYR C 49 -10.22 -15.12 -28.79
CA TYR C 49 -9.18 -16.06 -28.38
C TYR C 49 -9.76 -17.35 -27.80
N GLU C 50 -8.94 -18.40 -27.80
CA GLU C 50 -9.31 -19.69 -27.17
C GLU C 50 -8.69 -19.80 -25.78
N CYS C 51 -9.36 -20.51 -24.90
CA CYS C 51 -8.85 -20.65 -23.55
C CYS C 51 -7.46 -21.24 -23.59
N PRO C 52 -6.55 -20.64 -22.83
CA PRO C 52 -5.14 -21.04 -22.72
C PRO C 52 -4.93 -22.39 -22.03
N ASP C 53 -5.77 -22.75 -21.07
CA ASP C 53 -5.45 -23.85 -20.17
C ASP C 53 -6.68 -24.66 -19.71
N TYR C 54 -7.02 -25.72 -20.45
CA TYR C 54 -8.18 -26.56 -20.10
C TYR C 54 -7.89 -27.57 -18.99
N LYS C 55 -6.64 -27.60 -18.55
CA LYS C 55 -6.10 -28.72 -17.79
C LYS C 55 -6.00 -28.49 -16.27
N THR C 56 -5.34 -27.41 -15.87
CA THR C 56 -4.87 -27.31 -14.48
C THR C 56 -5.96 -27.34 -13.43
N SER C 57 -6.97 -26.48 -13.55
CA SER C 57 -7.94 -26.38 -12.46
C SER C 57 -9.33 -26.87 -12.83
N GLY C 58 -9.51 -28.17 -12.78
CA GLY C 58 -10.83 -28.75 -13.01
C GLY C 58 -11.00 -29.43 -14.35
N PRO C 59 -11.99 -30.33 -14.45
CA PRO C 59 -12.22 -31.00 -15.73
C PRO C 59 -12.86 -29.99 -16.68
N ASN C 60 -14.13 -29.67 -16.43
CA ASN C 60 -14.89 -28.75 -17.27
C ASN C 60 -14.62 -27.30 -16.94
N SER C 61 -13.43 -26.83 -17.25
CA SER C 61 -13.02 -25.52 -16.77
C SER C 61 -11.94 -24.89 -17.62
N CYS C 62 -11.73 -23.60 -17.40
CA CYS C 62 -10.65 -22.92 -18.05
C CYS C 62 -9.89 -22.06 -17.03
N PHE C 63 -8.58 -22.20 -17.06
CA PHE C 63 -7.73 -21.51 -16.11
C PHE C 63 -6.93 -20.44 -16.81
N PHE C 64 -7.03 -19.20 -16.31
CA PHE C 64 -6.27 -18.10 -16.88
C PHE C 64 -4.99 -17.84 -16.06
N SER C 65 -3.83 -17.98 -16.71
CA SER C 65 -2.55 -17.78 -16.04
C SER C 65 -2.36 -16.31 -15.79
N LYS C 66 -1.22 -15.95 -15.21
CA LYS C 66 -0.90 -14.54 -14.93
C LYS C 66 -0.75 -13.78 -16.24
N GLN C 67 -0.48 -14.53 -17.30
CA GLN C 67 -0.23 -13.93 -18.60
C GLN C 67 -1.51 -13.62 -19.38
N TYR C 68 -2.62 -14.22 -18.95
CA TYR C 68 -3.90 -14.07 -19.64
C TYR C 68 -4.95 -13.32 -18.81
N THR C 69 -4.63 -12.98 -17.57
CA THR C 69 -5.49 -12.20 -16.68
C THR C 69 -5.08 -10.74 -16.62
N SER C 70 -6.02 -9.84 -16.89
CA SER C 70 -5.84 -8.40 -16.66
C SER C 70 -6.99 -7.84 -15.84
N ILE C 71 -6.69 -6.84 -15.03
CA ILE C 71 -7.71 -6.18 -14.24
C ILE C 71 -8.24 -4.88 -14.88
N TRP C 72 -7.88 -4.64 -16.14
CA TRP C 72 -8.24 -3.41 -16.85
C TRP C 72 -9.34 -3.57 -17.91
N LYS C 73 -9.47 -4.76 -18.50
CA LYS C 73 -10.46 -4.95 -19.56
C LYS C 73 -11.42 -6.09 -19.23
N ILE C 74 -12.69 -5.95 -19.63
CA ILE C 74 -13.73 -6.91 -19.26
C ILE C 74 -13.86 -8.04 -20.27
N TYR C 75 -13.61 -9.26 -19.81
CA TYR C 75 -13.74 -10.47 -20.62
C TYR C 75 -15.19 -10.85 -20.96
N ILE C 76 -15.43 -11.33 -22.18
CA ILE C 76 -16.70 -12.00 -22.48
C ILE C 76 -16.46 -13.51 -22.64
N ILE C 77 -17.01 -14.30 -21.74
CA ILE C 77 -16.82 -15.73 -21.85
C ILE C 77 -18.02 -16.38 -22.57
N THR C 78 -17.73 -17.13 -23.63
CA THR C 78 -18.71 -18.03 -24.22
C THR C 78 -18.16 -19.46 -24.23
N VAL C 79 -19.04 -20.44 -23.99
CA VAL C 79 -18.69 -21.86 -24.08
C VAL C 79 -19.36 -22.50 -25.27
N ASN C 80 -18.57 -23.20 -26.07
CA ASN C 80 -19.04 -23.73 -27.33
C ASN C 80 -19.06 -25.25 -27.37
N ALA C 81 -20.26 -25.83 -27.31
CA ALA C 81 -20.45 -27.26 -27.43
C ALA C 81 -20.48 -27.64 -28.91
N THR C 82 -19.86 -28.76 -29.25
CA THR C 82 -19.76 -29.14 -30.66
C THR C 82 -19.57 -30.63 -30.91
N ASN C 83 -20.49 -31.22 -31.67
CA ASN C 83 -20.30 -32.57 -32.17
C ASN C 83 -20.42 -32.66 -33.69
N GLN C 84 -20.52 -33.88 -34.22
CA GLN C 84 -20.78 -34.05 -35.64
C GLN C 84 -22.19 -33.52 -35.90
N MET C 85 -22.37 -32.91 -37.07
CA MET C 85 -23.63 -32.26 -37.43
C MET C 85 -24.24 -31.35 -36.36
N GLY C 86 -23.53 -30.27 -36.02
CA GLY C 86 -24.04 -29.29 -35.09
C GLY C 86 -23.06 -28.67 -34.11
N SER C 87 -23.33 -27.43 -33.71
CA SER C 87 -22.50 -26.64 -32.79
C SER C 87 -23.36 -25.61 -32.03
N SER C 88 -23.03 -25.31 -30.78
CA SER C 88 -23.74 -24.25 -30.03
C SER C 88 -22.85 -23.18 -29.35
N SER C 89 -23.51 -22.14 -28.84
CA SER C 89 -22.87 -21.12 -28.02
C SER C 89 -23.74 -20.80 -26.80
N SER C 90 -23.09 -20.70 -25.64
CA SER C 90 -23.77 -20.36 -24.38
C SER C 90 -24.07 -18.87 -24.34
N ASP C 91 -24.79 -18.46 -23.32
CA ASP C 91 -24.98 -17.04 -23.11
C ASP C 91 -23.66 -16.43 -22.68
N PRO C 92 -23.30 -15.27 -23.26
CA PRO C 92 -22.05 -14.60 -22.88
C PRO C 92 -22.03 -14.28 -21.39
N LEU C 93 -20.87 -14.42 -20.77
CA LEU C 93 -20.74 -14.06 -19.37
C LEU C 93 -19.76 -12.91 -19.23
N TYR C 94 -20.26 -11.72 -18.95
CA TYR C 94 -19.37 -10.59 -18.79
C TYR C 94 -18.73 -10.69 -17.41
N VAL C 95 -17.41 -10.71 -17.35
CA VAL C 95 -16.72 -10.74 -16.05
C VAL C 95 -15.59 -9.70 -15.87
N ASP C 96 -15.51 -9.17 -14.66
CA ASP C 96 -14.48 -8.22 -14.28
C ASP C 96 -13.62 -8.86 -13.22
N VAL C 97 -12.35 -9.09 -13.55
CA VAL C 97 -11.52 -9.91 -12.67
C VAL C 97 -11.68 -9.56 -11.19
N THR C 98 -11.71 -8.26 -10.86
CA THR C 98 -11.75 -7.82 -9.46
C THR C 98 -13.10 -7.98 -8.75
N TYR C 99 -14.14 -8.18 -9.55
CA TYR C 99 -15.47 -8.33 -9.02
C TYR C 99 -15.85 -9.79 -8.97
N ILE C 100 -14.85 -10.67 -8.96
CA ILE C 100 -15.06 -12.13 -8.85
C ILE C 100 -13.96 -12.82 -8.04
N VAL C 101 -13.55 -12.16 -6.95
CA VAL C 101 -12.46 -12.67 -6.11
C VAL C 101 -12.91 -13.57 -4.99
N GLU C 102 -12.64 -14.86 -5.13
CA GLU C 102 -12.82 -15.78 -4.02
C GLU C 102 -11.45 -16.17 -3.49
N PRO C 103 -11.03 -15.53 -2.40
CA PRO C 103 -9.67 -15.62 -1.89
C PRO C 103 -9.36 -16.99 -1.32
N GLU C 104 -8.06 -17.26 -1.20
CA GLU C 104 -7.58 -18.42 -0.51
C GLU C 104 -7.89 -18.24 0.96
N PRO C 105 -8.14 -19.34 1.68
CA PRO C 105 -8.40 -19.23 3.11
C PRO C 105 -7.22 -18.55 3.78
N PRO C 106 -7.46 -17.91 4.94
CA PRO C 106 -6.40 -17.23 5.70
C PRO C 106 -5.23 -18.15 5.91
N ARG C 107 -4.02 -17.59 5.88
CA ARG C 107 -2.79 -18.36 6.00
C ARG C 107 -2.29 -18.33 7.45
N ASN C 108 -1.59 -19.40 7.85
CA ASN C 108 -0.86 -19.49 9.11
C ASN C 108 -1.69 -19.17 10.34
N LEU C 109 -2.62 -20.08 10.60
CA LEU C 109 -3.52 -19.99 11.74
C LEU C 109 -2.87 -20.46 13.04
N THR C 110 -2.57 -19.53 13.95
CA THR C 110 -1.93 -19.87 15.22
C THR C 110 -2.96 -19.90 16.36
N LEU C 111 -2.93 -20.95 17.17
CA LEU C 111 -3.85 -21.08 18.30
C LEU C 111 -3.10 -21.08 19.63
N GLU C 112 -2.68 -19.91 20.09
CA GLU C 112 -1.94 -19.80 21.34
C GLU C 112 -2.91 -19.93 22.51
N VAL C 113 -2.48 -20.60 23.59
CA VAL C 113 -3.27 -20.75 24.82
C VAL C 113 -2.78 -19.75 25.86
N LYS C 114 -3.22 -18.51 25.75
CA LYS C 114 -2.62 -17.47 26.56
C LYS C 114 -3.01 -17.63 28.03
N GLN C 115 -2.05 -17.30 28.90
CA GLN C 115 -2.19 -17.38 30.36
C GLN C 115 -2.30 -18.81 30.87
N LYS C 119 -6.69 -16.54 37.27
CA LYS C 119 -7.25 -15.97 36.05
C LYS C 119 -7.71 -17.03 35.04
N LYS C 120 -8.79 -16.75 34.34
CA LYS C 120 -9.33 -17.67 33.34
C LYS C 120 -8.39 -17.78 32.14
N THR C 121 -8.24 -19.00 31.62
CA THR C 121 -7.39 -19.23 30.46
C THR C 121 -8.21 -19.05 29.18
N TYR C 122 -7.75 -18.15 28.33
CA TYR C 122 -8.44 -17.85 27.08
C TYR C 122 -7.57 -18.28 25.90
N LEU C 123 -8.23 -18.61 24.79
CA LEU C 123 -7.55 -19.05 23.58
C LEU C 123 -7.38 -17.87 22.66
N TRP C 124 -6.13 -17.46 22.45
CA TRP C 124 -5.82 -16.33 21.57
C TRP C 124 -5.65 -16.87 20.16
N VAL C 125 -6.65 -16.62 19.32
CA VAL C 125 -6.63 -17.09 17.95
C VAL C 125 -6.14 -15.97 17.03
N LYS C 126 -5.01 -16.21 16.36
CA LYS C 126 -4.40 -15.23 15.49
C LYS C 126 -4.14 -15.87 14.13
N TRP C 127 -4.45 -15.16 13.05
CA TRP C 127 -4.10 -15.64 11.70
C TRP C 127 -3.52 -14.53 10.81
N SER C 128 -3.25 -14.88 9.55
CA SER C 128 -2.76 -13.92 8.59
C SER C 128 -3.66 -13.95 7.37
N PRO C 129 -3.82 -12.79 6.71
CA PRO C 129 -4.57 -12.69 5.46
C PRO C 129 -3.83 -13.36 4.31
N PRO C 130 -4.58 -13.90 3.33
CA PRO C 130 -4.09 -14.61 2.16
C PRO C 130 -3.33 -13.70 1.20
N THR C 131 -2.48 -14.29 0.37
CA THR C 131 -1.58 -13.53 -0.47
C THR C 131 -2.30 -12.89 -1.67
N ILE C 132 -2.55 -11.58 -1.58
CA ILE C 132 -3.23 -10.81 -2.62
C ILE C 132 -2.80 -9.33 -2.60
N THR C 133 -2.40 -8.80 -3.77
CA THR C 133 -1.85 -7.45 -3.87
C THR C 133 -2.82 -6.33 -3.51
N ASP C 134 -3.29 -6.35 -2.26
CA ASP C 134 -4.34 -5.46 -1.81
C ASP C 134 -4.29 -5.35 -0.30
N VAL C 135 -4.17 -6.50 0.36
CA VAL C 135 -4.10 -6.53 1.81
C VAL C 135 -2.68 -6.87 2.25
N LYS C 136 -1.82 -7.28 1.31
CA LYS C 136 -0.41 -7.49 1.61
C LYS C 136 0.08 -6.30 2.43
N THR C 137 -0.15 -5.10 1.90
CA THR C 137 0.09 -3.86 2.64
C THR C 137 -0.79 -2.80 1.99
N GLY C 138 -2.09 -2.92 2.16
CA GLY C 138 -2.97 -2.18 1.27
C GLY C 138 -4.33 -1.66 1.72
N TRP C 139 -5.37 -2.07 0.97
CA TRP C 139 -6.54 -1.24 0.75
C TRP C 139 -7.89 -1.91 0.40
N PHE C 140 -8.51 -2.75 1.24
CA PHE C 140 -8.00 -3.36 2.45
C PHE C 140 -9.14 -4.25 2.96
N THR C 141 -10.37 -3.83 2.64
CA THR C 141 -11.58 -4.50 3.07
C THR C 141 -11.42 -6.00 3.13
N MET C 142 -11.21 -6.52 4.32
CA MET C 142 -11.10 -7.95 4.51
C MET C 142 -11.73 -8.32 5.82
N GLU C 143 -12.92 -8.89 5.76
CA GLU C 143 -13.64 -9.31 6.95
C GLU C 143 -13.39 -10.79 7.15
N TYR C 144 -13.17 -11.19 8.40
CA TYR C 144 -12.95 -12.59 8.72
C TYR C 144 -14.04 -13.18 9.63
N GLU C 145 -14.09 -14.50 9.66
CA GLU C 145 -15.05 -15.26 10.47
C GLU C 145 -14.33 -16.54 10.88
N ILE C 146 -14.61 -17.02 12.09
CA ILE C 146 -13.93 -18.21 12.61
C ILE C 146 -14.91 -19.11 13.34
N ARG C 147 -14.76 -20.42 13.17
CA ARG C 147 -15.68 -21.38 13.80
C ARG C 147 -14.94 -22.47 14.56
N LEU C 148 -15.47 -22.83 15.73
CA LEU C 148 -14.84 -23.85 16.57
C LEU C 148 -15.84 -24.80 17.25
N LYS C 149 -15.41 -26.05 17.41
CA LYS C 149 -16.20 -27.12 18.02
C LYS C 149 -15.23 -28.05 18.74
N PRO C 150 -15.72 -28.81 19.72
CA PRO C 150 -14.89 -29.75 20.50
C PRO C 150 -14.45 -31.04 19.77
N GLU C 151 -15.39 -31.95 19.47
CA GLU C 151 -15.06 -33.20 18.80
C GLU C 151 -16.28 -33.75 18.05
N GLU C 154 -21.21 -32.33 13.42
CA GLU C 154 -21.71 -31.84 14.70
C GLU C 154 -21.80 -30.32 14.67
N GLU C 155 -22.17 -29.72 15.80
CA GLU C 155 -22.40 -28.28 15.87
C GLU C 155 -21.12 -27.46 15.94
N TRP C 156 -21.07 -26.42 15.12
CA TRP C 156 -20.01 -25.44 15.15
C TRP C 156 -20.46 -24.19 15.88
N GLU C 157 -19.52 -23.51 16.52
CA GLU C 157 -19.78 -22.21 17.13
C GLU C 157 -19.09 -21.16 16.29
N ILE C 158 -19.87 -20.28 15.66
CA ILE C 158 -19.31 -19.35 14.69
C ILE C 158 -19.17 -17.92 15.25
N HIS C 159 -17.98 -17.35 15.07
CA HIS C 159 -17.68 -15.98 15.52
C HIS C 159 -17.26 -15.11 14.37
N PHE C 160 -17.87 -13.94 14.28
CA PHE C 160 -17.55 -13.00 13.21
C PHE C 160 -16.60 -11.94 13.75
N THR C 161 -15.45 -11.80 13.10
CA THR C 161 -14.46 -10.79 13.47
C THR C 161 -14.35 -9.72 12.37
N GLY C 162 -14.94 -8.55 12.62
CA GLY C 162 -14.88 -7.52 11.61
C GLY C 162 -13.44 -7.09 11.35
N HIS C 163 -12.85 -7.57 10.26
CA HIS C 163 -11.56 -7.04 9.84
C HIS C 163 -10.43 -7.41 10.77
N GLN C 164 -10.75 -8.07 11.90
CA GLN C 164 -9.73 -8.39 12.90
C GLN C 164 -8.97 -9.63 12.46
N THR C 165 -7.64 -9.60 12.59
CA THR C 165 -6.81 -10.73 12.20
C THR C 165 -6.54 -11.59 13.42
N GLN C 166 -7.13 -11.20 14.54
CA GLN C 166 -6.97 -11.93 15.78
C GLN C 166 -8.24 -11.84 16.61
N PHE C 167 -8.55 -12.92 17.29
CA PHE C 167 -9.79 -13.00 18.04
C PHE C 167 -9.57 -13.76 19.36
N LYS C 168 -10.06 -13.19 20.45
CA LYS C 168 -10.01 -13.84 21.77
C LYS C 168 -11.29 -14.61 22.11
N VAL C 169 -11.15 -15.87 22.50
CA VAL C 169 -12.28 -16.75 22.75
C VAL C 169 -12.27 -17.18 24.20
N PHE C 170 -13.32 -16.82 24.94
CA PHE C 170 -13.36 -17.07 26.37
C PHE C 170 -14.23 -18.27 26.78
N ASP C 171 -13.93 -18.80 27.96
CA ASP C 171 -14.73 -19.86 28.54
C ASP C 171 -14.77 -21.08 27.63
N LEU C 172 -13.84 -22.01 27.84
CA LEU C 172 -13.91 -23.30 27.16
C LEU C 172 -13.78 -24.45 28.16
N TYR C 173 -14.31 -25.60 27.77
CA TYR C 173 -14.23 -26.80 28.59
C TYR C 173 -12.81 -27.29 28.70
N PRO C 174 -12.26 -27.28 29.91
CA PRO C 174 -10.87 -27.70 30.13
C PRO C 174 -10.66 -29.18 29.79
N GLY C 175 -9.45 -29.51 29.33
CA GLY C 175 -9.07 -30.88 29.06
C GLY C 175 -9.75 -31.47 27.84
N GLN C 176 -10.11 -30.61 26.90
CA GLN C 176 -10.68 -31.08 25.63
C GLN C 176 -10.00 -30.47 24.42
N LYS C 177 -9.88 -31.29 23.37
CA LYS C 177 -9.32 -30.88 22.10
C LYS C 177 -10.38 -30.01 21.41
N TYR C 178 -9.90 -29.04 20.62
CA TYR C 178 -10.78 -28.15 19.88
C TYR C 178 -10.34 -28.00 18.44
N LEU C 179 -11.30 -27.84 17.54
CA LEU C 179 -11.02 -27.60 16.13
C LEU C 179 -11.42 -26.18 15.76
N VAL C 180 -10.51 -25.45 15.10
CA VAL C 180 -10.86 -24.12 14.63
C VAL C 180 -10.54 -23.95 13.14
N GLN C 181 -11.32 -23.08 12.49
CA GLN C 181 -11.19 -22.82 11.06
C GLN C 181 -11.49 -21.33 10.77
N THR C 182 -11.02 -20.82 9.62
CA THR C 182 -11.26 -19.42 9.25
C THR C 182 -11.71 -19.19 7.79
N ARG C 183 -12.16 -17.96 7.54
CA ARG C 183 -12.66 -17.51 6.25
C ARG C 183 -12.55 -15.99 6.13
N CYS C 184 -12.42 -15.51 4.89
CA CYS C 184 -12.32 -14.08 4.64
C CYS C 184 -13.07 -13.69 3.37
N LYS C 185 -13.51 -12.44 3.31
CA LYS C 185 -14.40 -11.98 2.24
C LYS C 185 -14.20 -10.48 1.96
N PRO C 186 -13.80 -10.14 0.73
CA PRO C 186 -13.52 -8.76 0.36
C PRO C 186 -14.79 -7.96 -0.01
N ASP C 187 -14.62 -6.77 -0.59
CA ASP C 187 -15.76 -6.03 -1.07
C ASP C 187 -16.25 -6.64 -2.39
N HIS C 188 -17.57 -6.83 -2.48
CA HIS C 188 -18.21 -7.50 -3.62
C HIS C 188 -17.73 -8.93 -3.79
N GLY C 189 -16.54 -9.21 -3.27
CA GLY C 189 -15.97 -10.55 -3.35
C GLY C 189 -16.67 -11.58 -2.48
N TYR C 190 -16.48 -12.84 -2.85
CA TYR C 190 -17.18 -13.96 -2.23
C TYR C 190 -16.34 -14.59 -1.12
N TRP C 191 -17.00 -15.13 -0.09
CA TRP C 191 -16.33 -15.86 0.99
C TRP C 191 -15.34 -16.93 0.53
N SER C 192 -14.23 -17.03 1.23
CA SER C 192 -13.23 -18.06 0.95
C SER C 192 -13.70 -19.38 1.52
N ARG C 193 -13.07 -20.48 1.12
CA ARG C 193 -13.33 -21.74 1.79
C ARG C 193 -12.67 -21.75 3.17
N TRP C 194 -13.27 -22.49 4.10
CA TRP C 194 -12.67 -22.72 5.41
C TRP C 194 -11.28 -23.34 5.31
N SER C 195 -10.42 -22.92 6.22
CA SER C 195 -9.01 -23.31 6.26
C SER C 195 -8.80 -24.72 6.76
N GLN C 196 -7.57 -25.19 6.62
CA GLN C 196 -7.17 -26.45 7.21
C GLN C 196 -7.49 -26.46 8.70
N GLU C 197 -8.21 -27.50 9.11
CA GLU C 197 -8.60 -27.68 10.49
C GLU C 197 -7.39 -27.78 11.42
N SER C 198 -6.95 -26.63 11.96
CA SER C 198 -5.92 -26.60 13.01
C SER C 198 -6.54 -26.96 14.36
N SER C 199 -5.84 -27.78 15.15
CA SER C 199 -6.32 -28.23 16.46
C SER C 199 -5.63 -27.52 17.65
N VAL C 200 -6.22 -27.66 18.84
CA VAL C 200 -5.62 -27.20 20.10
C VAL C 200 -6.15 -27.97 21.31
N GLU C 201 -5.24 -28.54 22.09
CA GLU C 201 -5.63 -29.28 23.29
C GLU C 201 -5.68 -28.36 24.53
N MET C 202 -6.84 -28.27 25.14
CA MET C 202 -7.04 -27.35 26.26
C MET C 202 -6.42 -27.87 27.57
N PRO C 203 -5.71 -26.98 28.31
CA PRO C 203 -4.98 -27.43 29.50
C PRO C 203 -5.86 -28.26 30.46
N ASN C 204 -5.27 -29.33 30.99
CA ASN C 204 -5.98 -30.29 31.84
C ASN C 204 -6.55 -29.64 33.11
#